data_8JD8
#
_entry.id   8JD8
#
_cell.length_a   61.111
_cell.length_b   74.554
_cell.length_c   61.686
_cell.angle_alpha   90.00
_cell.angle_beta   106.86
_cell.angle_gamma   90.00
#
_symmetry.space_group_name_H-M   'P 1 21 1'
#
loop_
_entity.id
_entity.type
_entity.pdbx_description
1 polymer 'Superoxide dismutase [Cu-Zn]'
2 non-polymer 'ZINC ION'
3 non-polymer 'COPPER (II) ION'
4 water water
#
_entity_poly.entity_id   1
_entity_poly.type   'polypeptide(L)'
_entity_poly.pdbx_seq_one_letter_code
;MDHHHHHHHHHHQMVKAVAVLGGTEGVKGTVSFTQEGDGPTTVSGSLSGLKPGPHGFHVHALGDTTNGCMSTGPHFNPAG
KEHGAPEDDNRHAGDLGNVNVSDDGTATFTVVDNQIPLSGPNSIIGRAVVVHADPDDLGKGGHELSKTTGNAGGRVACGI
IGLQG
;
_entity_poly.pdbx_strand_id   A,B,C,D
#
loop_
_chem_comp.id
_chem_comp.type
_chem_comp.name
_chem_comp.formula
CU non-polymer 'COPPER (II) ION' 'Cu 2'
ZN non-polymer 'ZINC ION' 'Zn 2'
#
# COMPACT_ATOMS: atom_id res chain seq x y z
N GLN A 13 6.21 -2.31 13.25
CA GLN A 13 6.82 -1.65 12.07
C GLN A 13 5.82 -0.65 11.47
N MET A 14 5.51 -0.77 10.17
CA MET A 14 4.72 0.26 9.43
C MET A 14 3.31 -0.26 9.14
N VAL A 15 2.29 0.45 9.61
CA VAL A 15 0.87 0.14 9.31
C VAL A 15 0.33 1.27 8.42
N LYS A 16 -0.43 0.90 7.38
CA LYS A 16 -1.03 1.87 6.43
C LYS A 16 -2.54 1.64 6.37
N ALA A 17 -3.29 2.70 6.14
CA ALA A 17 -4.75 2.63 5.88
C ALA A 17 -5.12 3.73 4.87
N VAL A 18 -6.26 3.56 4.21
CA VAL A 18 -6.72 4.42 3.10
C VAL A 18 -8.25 4.43 3.11
N ALA A 19 -8.83 5.62 3.03
CA ALA A 19 -10.28 5.83 2.83
C ALA A 19 -10.50 6.44 1.46
N VAL A 20 -11.31 5.78 0.64
CA VAL A 20 -11.80 6.31 -0.66
C VAL A 20 -13.17 6.95 -0.40
N LEU A 21 -13.27 8.27 -0.56
CA LEU A 21 -14.43 9.09 -0.13
C LEU A 21 -15.52 9.06 -1.20
N GLY A 22 -16.76 8.87 -0.77
CA GLY A 22 -17.96 9.15 -1.60
C GLY A 22 -19.05 9.80 -0.76
N GLY A 23 -20.12 10.21 -1.43
CA GLY A 23 -21.25 10.93 -0.81
C GLY A 23 -22.28 11.25 -1.88
N THR A 24 -23.22 12.14 -1.58
CA THR A 24 -24.38 12.42 -2.47
C THR A 24 -24.09 13.69 -3.27
N GLU A 25 -22.88 14.26 -3.12
CA GLU A 25 -22.62 15.71 -3.34
C GLU A 25 -21.54 15.90 -4.43
N GLY A 26 -21.05 14.82 -5.04
CA GLY A 26 -20.03 14.86 -6.11
C GLY A 26 -18.63 15.13 -5.55
N VAL A 27 -18.49 15.15 -4.22
CA VAL A 27 -17.18 15.25 -3.54
C VAL A 27 -16.46 13.92 -3.65
N LYS A 28 -15.17 13.95 -4.01
CA LYS A 28 -14.32 12.75 -4.16
C LYS A 28 -13.04 12.96 -3.37
N GLY A 29 -12.32 11.89 -3.07
CA GLY A 29 -10.93 12.02 -2.62
C GLY A 29 -10.44 10.79 -1.90
N THR A 30 -9.16 10.79 -1.60
CA THR A 30 -8.42 9.71 -0.91
C THR A 30 -7.75 10.34 0.32
N VAL A 31 -7.90 9.69 1.47
CA VAL A 31 -7.16 9.98 2.71
C VAL A 31 -6.32 8.75 3.05
N SER A 32 -5.00 8.93 3.09
CA SER A 32 -3.99 7.87 3.37
C SER A 32 -3.44 8.07 4.78
N PHE A 33 -3.46 7.01 5.57
CA PHE A 33 -2.94 7.00 6.96
C PHE A 33 -1.67 6.14 6.99
N THR A 34 -0.65 6.61 7.69
CA THR A 34 0.60 5.88 7.98
C THR A 34 0.91 6.01 9.47
N GLN A 35 1.24 4.91 10.13
CA GLN A 35 1.79 4.90 11.51
C GLN A 35 3.01 3.97 11.55
N GLU A 36 4.16 4.52 11.92
CA GLU A 36 5.42 3.79 12.15
C GLU A 36 5.57 3.51 13.65
N GLY A 37 5.72 2.24 14.04
CA GLY A 37 5.70 1.81 15.46
C GLY A 37 4.46 2.35 16.18
N ASP A 38 4.66 2.97 17.34
CA ASP A 38 3.56 3.61 18.13
C ASP A 38 3.69 5.13 18.09
N GLY A 39 4.24 5.69 17.01
CA GLY A 39 4.36 7.15 16.81
C GLY A 39 3.01 7.77 16.42
N PRO A 40 2.94 9.11 16.20
CA PRO A 40 1.74 9.75 15.67
C PRO A 40 1.32 9.10 14.34
N THR A 41 0.04 9.27 14.00
CA THR A 41 -0.51 8.89 12.67
C THR A 41 -0.41 10.10 11.75
N THR A 42 0.23 9.92 10.61
CA THR A 42 0.24 10.90 9.49
C THR A 42 -0.99 10.61 8.64
N VAL A 43 -1.82 11.61 8.40
CA VAL A 43 -2.95 11.47 7.45
C VAL A 43 -2.79 12.51 6.36
N SER A 44 -2.75 12.03 5.13
CA SER A 44 -2.42 12.78 3.91
C SER A 44 -3.63 12.75 2.99
N GLY A 45 -4.16 13.91 2.63
CA GLY A 45 -5.51 14.08 2.05
C GLY A 45 -5.43 14.73 0.68
N SER A 46 -6.22 14.22 -0.26
CA SER A 46 -6.47 14.83 -1.59
C SER A 46 -7.97 14.77 -1.89
N LEU A 47 -8.64 15.92 -1.86
CA LEU A 47 -10.12 16.01 -1.97
C LEU A 47 -10.47 16.87 -3.19
N SER A 48 -11.66 16.70 -3.75
CA SER A 48 -12.22 17.54 -4.83
C SER A 48 -13.74 17.63 -4.71
N GLY A 49 -14.34 18.63 -5.37
CA GLY A 49 -15.79 18.77 -5.52
C GLY A 49 -16.43 19.46 -4.33
N LEU A 50 -15.63 20.11 -3.46
CA LEU A 50 -16.10 20.68 -2.17
C LEU A 50 -16.28 22.19 -2.34
N LYS A 51 -17.19 22.80 -1.57
CA LYS A 51 -17.38 24.26 -1.54
C LYS A 51 -16.16 24.88 -0.85
N PRO A 52 -15.74 26.11 -1.24
CA PRO A 52 -14.51 26.70 -0.72
C PRO A 52 -14.63 27.07 0.76
N GLY A 53 -13.52 26.96 1.50
CA GLY A 53 -13.38 27.39 2.90
C GLY A 53 -13.13 26.21 3.83
N PRO A 54 -13.20 26.41 5.16
CA PRO A 54 -12.94 25.34 6.11
C PRO A 54 -14.07 24.29 6.17
N HIS A 55 -13.70 23.02 6.35
CA HIS A 55 -14.63 21.87 6.50
C HIS A 55 -14.18 21.02 7.68
N GLY A 56 -15.14 20.67 8.54
CA GLY A 56 -14.97 19.65 9.60
C GLY A 56 -14.43 18.37 9.02
N PHE A 57 -13.38 17.85 9.65
CA PHE A 57 -12.66 16.63 9.18
C PHE A 57 -12.43 15.71 10.38
N HIS A 58 -13.22 14.65 10.46
CA HIS A 58 -13.37 13.82 11.69
C HIS A 58 -13.28 12.35 11.34
N VAL A 59 -12.70 11.56 12.24
CA VAL A 59 -12.93 10.09 12.31
C VAL A 59 -14.18 9.82 13.14
N HIS A 60 -15.19 9.22 12.52
CA HIS A 60 -16.45 8.75 13.18
C HIS A 60 -16.26 7.30 13.65
N ALA A 61 -17.11 6.84 14.59
CA ALA A 61 -16.91 5.62 15.40
C ALA A 61 -17.07 4.37 14.52
N LEU A 62 -17.88 4.46 13.46
CA LEU A 62 -18.37 3.25 12.75
C LEU A 62 -17.96 3.32 11.27
N GLY A 63 -17.84 2.15 10.65
CA GLY A 63 -17.62 2.01 9.20
C GLY A 63 -18.84 1.45 8.50
N ASP A 64 -20.02 1.61 9.11
CA ASP A 64 -21.31 1.19 8.51
C ASP A 64 -21.78 2.25 7.50
N THR A 65 -21.76 1.93 6.20
CA THR A 65 -22.19 2.84 5.12
C THR A 65 -23.49 2.33 4.48
N THR A 66 -24.24 1.47 5.17
CA THR A 66 -25.54 0.94 4.68
C THR A 66 -26.52 2.09 4.48
N ASN A 67 -26.42 3.14 5.30
CA ASN A 67 -27.23 4.39 5.13
C ASN A 67 -26.31 5.56 4.77
N GLY A 68 -25.42 5.34 3.79
CA GLY A 68 -24.36 6.30 3.43
C GLY A 68 -23.59 6.77 4.65
N CYS A 69 -23.25 8.06 4.71
CA CYS A 69 -22.37 8.63 5.77
C CYS A 69 -23.12 8.74 7.10
N MET A 70 -24.45 8.74 7.08
CA MET A 70 -25.25 8.97 8.32
C MET A 70 -25.08 7.76 9.25
N SER A 71 -24.82 6.56 8.72
CA SER A 71 -24.70 5.31 9.51
C SER A 71 -23.32 5.19 10.16
N THR A 72 -22.39 6.12 9.89
CA THR A 72 -21.01 6.05 10.46
C THR A 72 -20.99 6.51 11.92
N GLY A 73 -22.14 6.90 12.48
CA GLY A 73 -22.28 7.19 13.92
C GLY A 73 -21.54 8.47 14.32
N PRO A 74 -21.27 8.67 15.63
CA PRO A 74 -20.73 9.94 16.12
C PRO A 74 -19.20 9.99 15.97
N HIS A 75 -18.56 11.06 16.45
CA HIS A 75 -17.08 11.17 16.51
C HIS A 75 -16.52 9.98 17.29
N PHE A 76 -15.47 9.33 16.77
CA PHE A 76 -14.70 8.30 17.51
C PHE A 76 -14.25 8.93 18.83
N ASN A 77 -14.68 8.35 19.96
CA ASN A 77 -14.60 9.01 21.28
C ASN A 77 -14.33 7.97 22.36
N PRO A 78 -13.24 7.17 22.25
CA PRO A 78 -12.95 6.11 23.21
C PRO A 78 -12.68 6.63 24.63
N ALA A 79 -12.23 7.88 24.78
CA ALA A 79 -11.85 8.44 26.11
C ALA A 79 -13.06 9.11 26.78
N GLY A 80 -14.19 9.22 26.06
CA GLY A 80 -15.47 9.77 26.58
C GLY A 80 -15.39 11.25 26.91
N LYS A 81 -14.70 12.04 26.07
CA LYS A 81 -14.55 13.51 26.22
C LYS A 81 -15.61 14.23 25.40
N GLU A 82 -15.59 15.57 25.45
CA GLU A 82 -16.39 16.45 24.57
C GLU A 82 -15.59 16.76 23.30
N HIS A 83 -16.27 17.31 22.29
CA HIS A 83 -15.67 17.75 21.01
C HIS A 83 -14.76 18.96 21.26
N GLY A 84 -13.55 18.93 20.68
CA GLY A 84 -12.60 20.06 20.80
C GLY A 84 -11.74 20.21 19.56
N ALA A 85 -10.71 21.05 19.64
CA ALA A 85 -9.67 21.20 18.60
C ALA A 85 -8.60 20.13 18.81
N PRO A 86 -7.87 19.75 17.74
CA PRO A 86 -6.84 18.71 17.84
C PRO A 86 -5.86 18.95 19.01
N GLU A 87 -5.45 20.20 19.24
CA GLU A 87 -4.41 20.51 20.26
C GLU A 87 -5.03 20.56 21.67
N ASP A 88 -6.36 20.57 21.78
CA ASP A 88 -7.04 20.67 23.11
C ASP A 88 -6.85 19.36 23.89
N ASP A 89 -6.92 19.44 25.23
CA ASP A 89 -7.00 18.25 26.13
C ASP A 89 -8.40 17.63 26.04
N ASN A 90 -9.46 18.44 26.16
CA ASN A 90 -10.88 17.98 26.09
C ASN A 90 -11.30 17.92 24.61
N ARG A 91 -11.14 16.74 24.01
CA ARG A 91 -11.43 16.52 22.57
C ARG A 91 -11.74 15.04 22.36
N HIS A 92 -12.43 14.72 21.26
CA HIS A 92 -12.62 13.33 20.78
C HIS A 92 -11.35 12.85 20.07
N ALA A 93 -11.06 11.55 20.16
CA ALA A 93 -9.98 10.88 19.40
C ALA A 93 -10.10 11.25 17.91
N GLY A 94 -11.32 11.36 17.39
CA GLY A 94 -11.62 11.58 15.97
C GLY A 94 -11.58 13.04 15.56
N ASP A 95 -11.14 13.94 16.45
CA ASP A 95 -11.23 15.41 16.24
C ASP A 95 -9.95 15.91 15.55
N LEU A 96 -9.98 16.00 14.21
CA LEU A 96 -8.82 16.42 13.38
C LEU A 96 -9.06 17.82 12.81
N GLY A 97 -10.08 18.52 13.31
CA GLY A 97 -10.23 19.98 13.10
C GLY A 97 -10.79 20.28 11.72
N ASN A 98 -10.28 21.33 11.09
CA ASN A 98 -10.75 21.83 9.76
C ASN A 98 -9.69 21.55 8.69
N VAL A 99 -10.12 21.16 7.50
CA VAL A 99 -9.27 21.19 6.27
C VAL A 99 -9.80 22.28 5.35
N ASN A 100 -8.90 23.06 4.77
CA ASN A 100 -9.24 24.24 3.94
C ASN A 100 -9.44 23.77 2.49
N VAL A 101 -10.55 24.15 1.88
CA VAL A 101 -10.86 23.89 0.45
C VAL A 101 -10.64 25.18 -0.34
N SER A 102 -9.72 25.14 -1.32
CA SER A 102 -9.45 26.26 -2.26
C SER A 102 -10.72 26.55 -3.09
N ASP A 103 -10.71 27.66 -3.83
CA ASP A 103 -11.84 28.09 -4.70
C ASP A 103 -12.10 27.03 -5.77
N ASP A 104 -11.09 26.23 -6.12
CA ASP A 104 -11.18 25.21 -7.20
C ASP A 104 -11.83 23.93 -6.65
N GLY A 105 -12.18 23.92 -5.36
CA GLY A 105 -12.99 22.85 -4.74
C GLY A 105 -12.12 21.69 -4.28
N THR A 106 -10.80 21.87 -4.33
CA THR A 106 -9.79 20.85 -3.94
C THR A 106 -9.17 21.21 -2.59
N ALA A 107 -8.80 20.19 -1.82
CA ALA A 107 -8.05 20.30 -0.56
C ALA A 107 -6.89 19.29 -0.60
N THR A 108 -5.68 19.78 -0.32
CA THR A 108 -4.45 18.97 -0.18
C THR A 108 -3.88 19.26 1.21
N PHE A 109 -3.77 18.25 2.07
CA PHE A 109 -3.40 18.47 3.47
C PHE A 109 -2.62 17.27 4.01
N THR A 110 -1.73 17.56 4.95
CA THR A 110 -1.04 16.57 5.80
C THR A 110 -1.24 16.97 7.25
N VAL A 111 -1.85 16.06 8.02
CA VAL A 111 -2.15 16.22 9.46
C VAL A 111 -1.45 15.06 10.19
N VAL A 112 -0.83 15.33 11.33
CA VAL A 112 -0.34 14.25 12.25
C VAL A 112 -1.06 14.39 13.58
N ASP A 113 -1.40 13.25 14.18
CA ASP A 113 -2.27 13.19 15.39
C ASP A 113 -1.97 11.91 16.15
N ASN A 114 -2.03 11.93 17.48
CA ASN A 114 -1.61 10.78 18.33
C ASN A 114 -2.82 10.12 19.01
N GLN A 115 -4.05 10.38 18.55
CA GLN A 115 -5.26 9.70 19.09
C GLN A 115 -5.94 8.84 18.04
N ILE A 116 -5.34 8.65 16.87
CA ILE A 116 -5.96 7.82 15.79
C ILE A 116 -4.97 6.75 15.37
N PRO A 117 -4.61 5.80 16.27
CA PRO A 117 -3.75 4.68 15.91
C PRO A 117 -4.40 3.76 14.87
N LEU A 118 -3.57 3.00 14.14
CA LEU A 118 -4.02 2.07 13.06
C LEU A 118 -3.91 0.63 13.56
N SER A 119 -3.53 0.44 14.82
CA SER A 119 -3.54 -0.89 15.48
C SER A 119 -3.93 -0.76 16.96
N GLY A 120 -4.12 -1.88 17.63
CA GLY A 120 -4.45 -1.94 19.07
C GLY A 120 -5.88 -1.47 19.33
N PRO A 121 -6.26 -1.32 20.61
CA PRO A 121 -7.67 -1.33 21.00
C PRO A 121 -8.40 -0.07 20.51
N ASN A 122 -7.68 1.04 20.32
CA ASN A 122 -8.25 2.33 19.85
C ASN A 122 -8.01 2.49 18.35
N SER A 123 -7.72 1.39 17.65
CA SER A 123 -7.54 1.37 16.18
C SER A 123 -8.72 2.07 15.51
N ILE A 124 -8.44 2.93 14.52
CA ILE A 124 -9.47 3.54 13.63
C ILE A 124 -9.71 2.65 12.41
N ILE A 125 -8.99 1.53 12.26
CA ILE A 125 -9.21 0.56 11.14
C ILE A 125 -10.67 0.09 11.16
N GLY A 126 -11.39 0.28 10.05
CA GLY A 126 -12.78 -0.18 9.87
C GLY A 126 -13.79 0.80 10.45
N ARG A 127 -13.32 1.97 10.89
CA ARG A 127 -14.19 3.13 11.17
C ARG A 127 -14.27 3.96 9.89
N ALA A 128 -14.62 5.24 9.97
CA ALA A 128 -14.82 6.09 8.79
C ALA A 128 -14.18 7.45 9.03
N VAL A 129 -13.63 8.04 7.98
CA VAL A 129 -13.38 9.51 7.96
C VAL A 129 -14.59 10.18 7.28
N VAL A 130 -14.98 11.32 7.82
CA VAL A 130 -16.12 12.14 7.30
C VAL A 130 -15.61 13.56 7.09
N VAL A 131 -15.91 14.12 5.92
CA VAL A 131 -15.74 15.58 5.63
C VAL A 131 -17.12 16.21 5.71
N HIS A 132 -17.24 17.26 6.53
CA HIS A 132 -18.52 17.92 6.86
C HIS A 132 -18.75 19.08 5.90
N ALA A 133 -20.00 19.52 5.77
CA ALA A 133 -20.43 20.64 4.89
C ALA A 133 -19.75 21.94 5.37
N ASP A 134 -19.61 22.10 6.68
CA ASP A 134 -19.41 23.41 7.34
C ASP A 134 -18.15 23.37 8.18
N PRO A 135 -17.58 24.54 8.53
CA PRO A 135 -16.47 24.61 9.47
C PRO A 135 -16.82 23.96 10.82
N ASP A 136 -15.84 23.27 11.39
CA ASP A 136 -15.78 22.82 12.81
C ASP A 136 -15.49 24.04 13.69
N ASP A 137 -16.40 24.37 14.62
CA ASP A 137 -16.26 25.50 15.57
C ASP A 137 -15.34 25.08 16.73
N LEU A 138 -14.83 23.85 16.69
CA LEU A 138 -13.78 23.35 17.61
C LEU A 138 -14.30 23.33 19.05
N GLY A 139 -15.63 23.35 19.22
CA GLY A 139 -16.28 23.29 20.54
C GLY A 139 -16.56 24.67 21.12
N LYS A 140 -16.20 25.74 20.40
CA LYS A 140 -16.08 27.13 20.94
C LYS A 140 -17.30 27.96 20.51
N GLY A 141 -18.25 27.37 19.77
CA GLY A 141 -19.22 28.10 18.92
C GLY A 141 -20.38 28.66 19.74
N GLY A 142 -20.60 28.13 20.94
CA GLY A 142 -21.74 28.47 21.80
C GLY A 142 -23.07 27.95 21.24
N HIS A 143 -23.02 26.94 20.38
CA HIS A 143 -24.19 26.25 19.77
C HIS A 143 -24.48 24.99 20.60
N GLU A 144 -25.71 24.46 20.57
CA GLU A 144 -26.07 23.22 21.31
C GLU A 144 -25.23 22.04 20.76
N LEU A 145 -24.74 22.14 19.53
CA LEU A 145 -24.00 21.04 18.84
C LEU A 145 -22.48 21.24 18.96
N SER A 146 -22.04 22.36 19.52
CA SER A 146 -20.60 22.75 19.60
C SER A 146 -19.78 21.64 20.29
N LYS A 147 -20.26 21.10 21.41
CA LYS A 147 -19.47 20.18 22.28
C LYS A 147 -19.66 18.72 21.84
N THR A 148 -20.43 18.47 20.77
CA THR A 148 -20.66 17.11 20.21
C THR A 148 -20.03 17.00 18.82
N THR A 149 -20.32 17.94 17.91
CA THR A 149 -19.96 17.83 16.47
C THR A 149 -19.20 19.08 16.00
N GLY A 150 -18.99 20.06 16.88
CA GLY A 150 -18.49 21.39 16.50
C GLY A 150 -19.41 22.05 15.49
N ASN A 151 -20.67 21.59 15.41
CA ASN A 151 -21.74 22.18 14.56
C ASN A 151 -21.23 22.25 13.12
N ALA A 152 -20.61 21.18 12.63
CA ALA A 152 -19.92 21.16 11.30
C ALA A 152 -20.91 20.73 10.21
N GLY A 153 -22.19 20.56 10.54
CA GLY A 153 -23.28 20.36 9.56
C GLY A 153 -23.18 19.01 8.85
N GLY A 154 -23.65 18.96 7.59
CA GLY A 154 -23.92 17.72 6.84
C GLY A 154 -22.66 16.89 6.65
N ARG A 155 -22.86 15.60 6.36
CA ARG A 155 -21.79 14.63 6.00
C ARG A 155 -21.70 14.57 4.48
N VAL A 156 -20.82 15.40 3.92
CA VAL A 156 -20.79 15.75 2.47
C VAL A 156 -20.09 14.61 1.72
N ALA A 157 -19.17 13.91 2.41
CA ALA A 157 -18.50 12.70 1.90
C ALA A 157 -17.92 11.91 3.07
N CYS A 158 -17.73 10.60 2.88
CA CYS A 158 -17.09 9.72 3.89
C CYS A 158 -16.45 8.53 3.18
N GLY A 159 -15.57 7.84 3.90
CA GLY A 159 -15.06 6.53 3.47
C GLY A 159 -14.64 5.70 4.66
N ILE A 160 -14.84 4.40 4.55
CA ILE A 160 -14.32 3.40 5.52
C ILE A 160 -12.79 3.40 5.44
N ILE A 161 -12.14 3.42 6.60
CA ILE A 161 -10.66 3.36 6.73
C ILE A 161 -10.22 1.90 6.54
N GLY A 162 -9.91 1.51 5.30
CA GLY A 162 -9.49 0.14 4.96
C GLY A 162 -8.02 -0.09 5.25
N LEU A 163 -7.67 -1.29 5.76
CA LEU A 163 -6.26 -1.69 5.98
C LEU A 163 -5.56 -1.74 4.61
N GLN A 164 -4.36 -1.18 4.50
CA GLN A 164 -3.65 -0.98 3.20
C GLN A 164 -2.26 -1.61 3.27
N GLY A 165 -1.68 -1.72 4.46
CA GLY A 165 -0.33 -2.30 4.67
C GLY A 165 -0.01 -2.48 6.13
N GLN B 13 -20.78 -9.94 24.94
CA GLN B 13 -19.67 -9.15 24.34
C GLN B 13 -19.66 -9.36 22.82
N MET B 14 -20.60 -8.72 22.12
CA MET B 14 -20.93 -8.97 20.70
C MET B 14 -20.24 -7.90 19.83
N VAL B 15 -19.53 -8.31 18.78
CA VAL B 15 -18.97 -7.36 17.78
C VAL B 15 -19.70 -7.57 16.45
N LYS B 16 -20.06 -6.46 15.80
CA LYS B 16 -20.89 -6.42 14.58
C LYS B 16 -20.10 -5.66 13.52
N ALA B 17 -20.09 -6.14 12.28
CA ALA B 17 -19.46 -5.45 11.13
C ALA B 17 -20.30 -5.71 9.88
N VAL B 18 -20.20 -4.82 8.89
CA VAL B 18 -21.00 -4.93 7.63
C VAL B 18 -20.16 -4.42 6.46
N ALA B 19 -20.22 -5.13 5.34
CA ALA B 19 -19.63 -4.70 4.05
C ALA B 19 -20.76 -4.39 3.06
N VAL B 20 -20.71 -3.21 2.46
CA VAL B 20 -21.54 -2.83 1.28
C VAL B 20 -20.70 -3.10 0.02
N LEU B 21 -21.19 -4.02 -0.83
CA LEU B 21 -20.42 -4.63 -1.93
C LEU B 21 -20.67 -3.81 -3.21
N GLY B 22 -19.60 -3.28 -3.79
CA GLY B 22 -19.62 -2.54 -5.06
C GLY B 22 -18.86 -3.29 -6.14
N GLY B 23 -19.28 -3.13 -7.40
CA GLY B 23 -18.60 -3.69 -8.58
C GLY B 23 -18.57 -2.70 -9.71
N THR B 24 -17.81 -2.98 -10.78
CA THR B 24 -18.00 -2.36 -12.11
C THR B 24 -19.17 -3.09 -12.80
N GLU B 25 -19.60 -4.22 -12.23
CA GLU B 25 -20.36 -5.31 -12.92
C GLU B 25 -21.86 -5.08 -12.75
N GLY B 26 -22.26 -4.30 -11.76
CA GLY B 26 -23.68 -4.13 -11.37
C GLY B 26 -24.16 -5.27 -10.46
N VAL B 27 -23.27 -6.20 -10.07
CA VAL B 27 -23.51 -7.06 -8.89
C VAL B 27 -23.29 -6.21 -7.64
N LYS B 28 -24.19 -6.31 -6.67
CA LYS B 28 -24.06 -5.58 -5.38
C LYS B 28 -24.76 -6.38 -4.29
N GLY B 29 -24.84 -5.81 -3.09
CA GLY B 29 -25.39 -6.49 -1.91
C GLY B 29 -24.59 -6.15 -0.67
N THR B 30 -24.79 -6.91 0.39
CA THR B 30 -24.21 -6.67 1.73
C THR B 30 -23.79 -8.01 2.32
N VAL B 31 -22.78 -7.96 3.18
CA VAL B 31 -22.37 -9.11 4.03
C VAL B 31 -22.25 -8.59 5.47
N SER B 32 -23.00 -9.21 6.37
CA SER B 32 -23.10 -8.81 7.79
C SER B 32 -22.37 -9.86 8.64
N PHE B 33 -21.45 -9.39 9.49
CA PHE B 33 -20.61 -10.24 10.38
C PHE B 33 -21.01 -9.99 11.83
N THR B 34 -21.06 -11.06 12.63
CA THR B 34 -21.22 -10.98 14.09
C THR B 34 -20.30 -12.00 14.75
N GLN B 35 -19.76 -11.64 15.90
CA GLN B 35 -18.95 -12.55 16.75
C GLN B 35 -19.21 -12.21 18.22
N GLU B 36 -19.77 -13.17 18.96
CA GLU B 36 -19.86 -13.16 20.44
C GLU B 36 -18.51 -13.61 21.02
N GLY B 37 -17.90 -12.76 21.85
CA GLY B 37 -16.61 -13.02 22.51
C GLY B 37 -15.60 -13.65 21.56
N ASP B 38 -15.06 -14.80 21.96
CA ASP B 38 -13.94 -15.55 21.32
C ASP B 38 -14.53 -16.57 20.35
N GLY B 39 -15.85 -16.58 20.20
CA GLY B 39 -16.57 -17.65 19.50
C GLY B 39 -16.41 -17.53 17.98
N PRO B 40 -17.10 -18.38 17.20
CA PRO B 40 -17.03 -18.31 15.75
C PRO B 40 -17.66 -17.00 15.27
N THR B 41 -17.35 -16.63 14.02
CA THR B 41 -17.97 -15.50 13.30
C THR B 41 -19.12 -16.03 12.47
N THR B 42 -20.31 -15.42 12.60
CA THR B 42 -21.47 -15.66 11.72
C THR B 42 -21.45 -14.61 10.61
N VAL B 43 -21.58 -15.03 9.36
CA VAL B 43 -21.57 -14.08 8.21
C VAL B 43 -22.79 -14.38 7.33
N SER B 44 -23.66 -13.37 7.20
CA SER B 44 -24.95 -13.45 6.47
C SER B 44 -24.86 -12.57 5.22
N GLY B 45 -25.05 -13.16 4.04
CA GLY B 45 -24.96 -12.45 2.76
C GLY B 45 -26.33 -12.25 2.15
N SER B 46 -26.54 -11.08 1.52
CA SER B 46 -27.65 -10.81 0.57
C SER B 46 -27.06 -10.16 -0.69
N LEU B 47 -26.98 -10.90 -1.79
CA LEU B 47 -26.30 -10.48 -3.04
C LEU B 47 -27.29 -10.49 -4.21
N SER B 48 -27.02 -9.69 -5.25
CA SER B 48 -27.84 -9.60 -6.48
C SER B 48 -26.95 -9.29 -7.69
N GLY B 49 -27.49 -9.50 -8.89
CA GLY B 49 -26.86 -9.15 -10.18
C GLY B 49 -25.75 -10.12 -10.57
N LEU B 50 -25.75 -11.33 -9.99
CA LEU B 50 -24.69 -12.35 -10.18
C LEU B 50 -25.18 -13.44 -11.12
N LYS B 51 -24.27 -14.06 -11.89
CA LYS B 51 -24.58 -15.27 -12.70
C LYS B 51 -25.02 -16.38 -11.76
N PRO B 52 -26.15 -17.06 -12.08
CA PRO B 52 -26.54 -18.29 -11.39
C PRO B 52 -25.37 -19.26 -11.19
N GLY B 53 -25.32 -19.93 -10.03
CA GLY B 53 -24.38 -21.02 -9.73
C GLY B 53 -23.47 -20.69 -8.55
N PRO B 54 -22.38 -21.48 -8.35
CA PRO B 54 -21.41 -21.22 -7.29
C PRO B 54 -20.44 -20.07 -7.61
N HIS B 55 -20.10 -19.25 -6.60
CA HIS B 55 -19.11 -18.14 -6.70
C HIS B 55 -18.12 -18.21 -5.54
N GLY B 56 -16.83 -18.16 -5.85
CA GLY B 56 -15.76 -17.92 -4.86
C GLY B 56 -16.10 -16.76 -3.94
N PHE B 57 -15.98 -16.97 -2.64
CA PHE B 57 -16.35 -16.01 -1.56
C PHE B 57 -15.19 -15.96 -0.55
N HIS B 58 -14.42 -14.89 -0.58
CA HIS B 58 -13.14 -14.78 0.17
C HIS B 58 -13.11 -13.48 0.98
N VAL B 59 -12.53 -13.53 2.16
CA VAL B 59 -11.90 -12.33 2.80
C VAL B 59 -10.47 -12.17 2.25
N HIS B 60 -10.23 -11.07 1.55
CA HIS B 60 -8.89 -10.65 1.07
C HIS B 60 -8.19 -9.86 2.18
N ALA B 61 -6.87 -9.72 2.06
CA ALA B 61 -5.99 -9.23 3.16
C ALA B 61 -6.23 -7.74 3.44
N LEU B 62 -6.59 -6.95 2.43
CA LEU B 62 -6.63 -5.46 2.53
C LEU B 62 -8.06 -4.94 2.28
N GLY B 63 -8.34 -3.73 2.74
CA GLY B 63 -9.56 -2.97 2.45
C GLY B 63 -9.26 -1.74 1.62
N ASP B 64 -8.19 -1.81 0.81
CA ASP B 64 -7.77 -0.75 -0.14
C ASP B 64 -8.58 -0.91 -1.45
N THR B 65 -9.42 0.08 -1.76
CA THR B 65 -10.29 0.07 -2.98
C THR B 65 -9.91 1.25 -3.89
N THR B 66 -8.69 1.79 -3.75
CA THR B 66 -8.17 2.88 -4.61
C THR B 66 -8.20 2.41 -6.07
N ASN B 67 -8.00 1.11 -6.30
CA ASN B 67 -8.01 0.50 -7.66
C ASN B 67 -9.17 -0.49 -7.76
N GLY B 68 -10.37 -0.08 -7.35
CA GLY B 68 -11.51 -1.00 -7.15
C GLY B 68 -11.07 -2.23 -6.37
N CYS B 69 -11.59 -3.40 -6.74
CA CYS B 69 -11.41 -4.67 -5.98
C CYS B 69 -9.98 -5.20 -6.13
N MET B 70 -9.22 -4.76 -7.13
CA MET B 70 -7.89 -5.36 -7.48
C MET B 70 -6.88 -4.98 -6.39
N SER B 71 -7.10 -3.87 -5.68
CA SER B 71 -6.17 -3.35 -4.63
C SER B 71 -6.41 -4.04 -3.29
N THR B 72 -7.41 -4.94 -3.18
CA THR B 72 -7.77 -5.63 -1.90
C THR B 72 -6.74 -6.74 -1.62
N GLY B 73 -5.81 -6.98 -2.55
CA GLY B 73 -4.64 -7.84 -2.31
C GLY B 73 -5.02 -9.31 -2.36
N PRO B 74 -4.17 -10.22 -1.85
CA PRO B 74 -4.45 -11.66 -1.89
C PRO B 74 -5.43 -12.10 -0.79
N HIS B 75 -5.70 -13.40 -0.70
CA HIS B 75 -6.55 -14.00 0.37
C HIS B 75 -5.92 -13.68 1.73
N PHE B 76 -6.73 -13.30 2.70
CA PHE B 76 -6.28 -13.13 4.11
C PHE B 76 -5.70 -14.48 4.56
N ASN B 77 -4.43 -14.49 4.97
CA ASN B 77 -3.67 -15.75 5.20
C ASN B 77 -2.63 -15.56 6.30
N PRO B 78 -3.03 -15.27 7.55
CA PRO B 78 -2.07 -15.05 8.62
C PRO B 78 -1.26 -16.30 8.97
N ALA B 79 -1.82 -17.50 8.70
CA ALA B 79 -1.21 -18.81 9.02
C ALA B 79 -0.16 -19.20 7.97
N GLY B 80 -0.16 -18.53 6.81
CA GLY B 80 0.71 -18.84 5.67
C GLY B 80 0.48 -20.25 5.14
N LYS B 81 -0.78 -20.66 5.04
CA LYS B 81 -1.20 -21.95 4.44
C LYS B 81 -1.44 -21.75 2.94
N GLU B 82 -1.86 -22.80 2.24
CA GLU B 82 -2.31 -22.74 0.84
C GLU B 82 -3.83 -22.58 0.79
N HIS B 83 -4.36 -22.24 -0.39
CA HIS B 83 -5.81 -22.09 -0.64
C HIS B 83 -6.50 -23.45 -0.44
N GLY B 84 -7.64 -23.45 0.27
CA GLY B 84 -8.40 -24.68 0.56
C GLY B 84 -9.89 -24.42 0.65
N ALA B 85 -10.67 -25.44 1.01
CA ALA B 85 -12.08 -25.29 1.43
C ALA B 85 -12.12 -24.90 2.89
N PRO B 86 -13.21 -24.23 3.33
CA PRO B 86 -13.34 -23.81 4.72
C PRO B 86 -13.13 -24.98 5.70
N GLU B 87 -13.51 -26.20 5.31
CA GLU B 87 -13.51 -27.37 6.23
C GLU B 87 -12.10 -27.97 6.32
N ASP B 88 -11.17 -27.56 5.44
CA ASP B 88 -9.79 -28.12 5.38
C ASP B 88 -8.93 -27.47 6.47
N ASP B 89 -7.97 -28.22 7.01
CA ASP B 89 -6.86 -27.67 7.84
C ASP B 89 -5.99 -26.75 6.97
N ASN B 90 -5.69 -27.18 5.74
CA ASN B 90 -4.81 -26.42 4.83
C ASN B 90 -5.68 -25.46 4.01
N ARG B 91 -5.92 -24.27 4.58
CA ARG B 91 -6.75 -23.20 3.98
C ARG B 91 -6.21 -21.85 4.43
N HIS B 92 -6.50 -20.80 3.67
CA HIS B 92 -6.38 -19.39 4.10
C HIS B 92 -7.51 -19.07 5.10
N ALA B 93 -7.21 -18.26 6.11
CA ALA B 93 -8.23 -17.72 7.05
C ALA B 93 -9.39 -17.13 6.23
N GLY B 94 -9.11 -16.62 5.03
CA GLY B 94 -10.07 -15.89 4.18
C GLY B 94 -10.94 -16.82 3.34
N ASP B 95 -10.68 -18.13 3.38
CA ASP B 95 -11.27 -19.12 2.44
C ASP B 95 -12.66 -19.52 2.95
N LEU B 96 -13.71 -18.84 2.50
CA LEU B 96 -15.11 -19.13 2.93
C LEU B 96 -15.85 -19.92 1.84
N GLY B 97 -15.12 -20.46 0.86
CA GLY B 97 -15.65 -21.44 -0.10
C GLY B 97 -16.54 -20.80 -1.15
N ASN B 98 -17.68 -21.43 -1.44
CA ASN B 98 -18.60 -21.05 -2.55
C ASN B 98 -19.93 -20.57 -1.94
N VAL B 99 -20.51 -19.52 -2.51
CA VAL B 99 -21.92 -19.11 -2.27
C VAL B 99 -22.71 -19.41 -3.54
N ASN B 100 -23.95 -19.88 -3.38
CA ASN B 100 -24.78 -20.40 -4.49
C ASN B 100 -25.80 -19.31 -4.86
N VAL B 101 -25.76 -18.85 -6.11
CA VAL B 101 -26.65 -17.80 -6.68
C VAL B 101 -27.80 -18.47 -7.44
N SER B 102 -29.04 -18.09 -7.11
CA SER B 102 -30.30 -18.62 -7.71
C SER B 102 -30.42 -18.17 -9.17
N ASP B 103 -31.41 -18.69 -9.89
CA ASP B 103 -31.70 -18.33 -11.30
C ASP B 103 -31.93 -16.82 -11.40
N ASP B 104 -32.48 -16.20 -10.35
CA ASP B 104 -32.85 -14.76 -10.33
C ASP B 104 -31.61 -13.93 -9.99
N GLY B 105 -30.45 -14.58 -9.84
CA GLY B 105 -29.15 -13.92 -9.70
C GLY B 105 -28.96 -13.35 -8.31
N THR B 106 -29.82 -13.73 -7.38
CA THR B 106 -29.72 -13.37 -5.94
C THR B 106 -29.09 -14.54 -5.18
N ALA B 107 -28.43 -14.23 -4.06
CA ALA B 107 -27.99 -15.21 -3.04
C ALA B 107 -28.33 -14.66 -1.67
N THR B 108 -28.83 -15.54 -0.80
CA THR B 108 -29.03 -15.28 0.64
C THR B 108 -28.51 -16.48 1.42
N PHE B 109 -27.55 -16.27 2.30
CA PHE B 109 -26.84 -17.37 2.99
C PHE B 109 -26.34 -16.88 4.35
N THR B 110 -26.18 -17.84 5.25
CA THR B 110 -25.45 -17.70 6.53
C THR B 110 -24.43 -18.82 6.60
N VAL B 111 -23.16 -18.49 6.82
CA VAL B 111 -22.11 -19.48 7.21
C VAL B 111 -21.49 -19.03 8.53
N VAL B 112 -20.91 -19.98 9.27
CA VAL B 112 -20.11 -19.71 10.49
C VAL B 112 -18.69 -20.24 10.25
N ASP B 113 -17.68 -19.52 10.73
CA ASP B 113 -16.26 -19.83 10.50
C ASP B 113 -15.47 -19.30 11.70
N ASN B 114 -14.40 -19.99 12.11
CA ASN B 114 -13.66 -19.58 13.33
C ASN B 114 -12.27 -19.04 12.97
N GLN B 115 -12.03 -18.63 11.72
CA GLN B 115 -10.71 -18.05 11.30
C GLN B 115 -10.87 -16.59 10.86
N ILE B 116 -12.03 -15.97 11.08
CA ILE B 116 -12.30 -14.58 10.62
C ILE B 116 -12.84 -13.77 11.80
N PRO B 117 -12.05 -13.63 12.89
CA PRO B 117 -12.51 -12.90 14.06
C PRO B 117 -12.70 -11.41 13.74
N LEU B 118 -13.45 -10.69 14.58
CA LEU B 118 -13.84 -9.28 14.37
C LEU B 118 -13.06 -8.39 15.35
N SER B 119 -12.10 -8.97 16.07
CA SER B 119 -11.14 -8.25 16.94
C SER B 119 -9.88 -9.08 17.12
N GLY B 120 -8.87 -8.52 17.79
CA GLY B 120 -7.56 -9.18 18.02
C GLY B 120 -6.64 -9.01 16.81
N PRO B 121 -5.44 -9.64 16.85
CA PRO B 121 -4.40 -9.38 15.85
C PRO B 121 -4.79 -9.80 14.42
N ASN B 122 -5.69 -10.78 14.29
CA ASN B 122 -6.12 -11.34 12.98
C ASN B 122 -7.53 -10.86 12.65
N SER B 123 -7.96 -9.74 13.25
CA SER B 123 -9.27 -9.11 12.96
C SER B 123 -9.40 -8.90 11.45
N ILE B 124 -10.59 -9.17 10.89
CA ILE B 124 -10.95 -8.87 9.47
C ILE B 124 -11.53 -7.47 9.35
N ILE B 125 -11.74 -6.75 10.45
CA ILE B 125 -12.27 -5.35 10.39
C ILE B 125 -11.33 -4.55 9.47
N GLY B 126 -11.91 -3.85 8.50
CA GLY B 126 -11.19 -2.95 7.58
C GLY B 126 -10.46 -3.71 6.48
N ARG B 127 -10.69 -5.03 6.38
CA ARG B 127 -10.32 -5.83 5.19
C ARG B 127 -11.53 -5.85 4.25
N ALA B 128 -11.41 -6.54 3.11
CA ALA B 128 -12.45 -6.60 2.07
C ALA B 128 -12.97 -8.03 1.96
N VAL B 129 -14.29 -8.19 1.91
CA VAL B 129 -14.95 -9.44 1.44
C VAL B 129 -15.19 -9.29 -0.06
N VAL B 130 -14.86 -10.34 -0.82
CA VAL B 130 -14.83 -10.29 -2.30
C VAL B 130 -15.64 -11.47 -2.84
N VAL B 131 -16.56 -11.21 -3.76
CA VAL B 131 -17.30 -12.27 -4.50
C VAL B 131 -16.73 -12.32 -5.91
N HIS B 132 -16.33 -13.53 -6.34
CA HIS B 132 -15.60 -13.79 -7.60
C HIS B 132 -16.60 -14.21 -8.69
N ALA B 133 -16.20 -14.16 -9.96
CA ALA B 133 -17.07 -14.40 -11.12
C ALA B 133 -17.42 -15.90 -11.20
N ASP B 134 -16.50 -16.76 -10.74
CA ASP B 134 -16.53 -18.22 -11.03
C ASP B 134 -16.45 -19.00 -9.72
N PRO B 135 -16.78 -20.31 -9.77
CA PRO B 135 -16.56 -21.22 -8.64
C PRO B 135 -15.11 -21.23 -8.13
N ASP B 136 -14.96 -21.36 -6.81
CA ASP B 136 -13.70 -21.70 -6.12
C ASP B 136 -13.51 -23.21 -6.18
N ASP B 137 -12.40 -23.68 -6.78
CA ASP B 137 -12.09 -25.13 -6.92
C ASP B 137 -11.52 -25.67 -5.61
N LEU B 138 -11.44 -24.82 -4.57
CA LEU B 138 -11.12 -25.21 -3.17
C LEU B 138 -9.73 -25.86 -3.12
N GLY B 139 -8.86 -25.53 -4.08
CA GLY B 139 -7.46 -25.97 -4.13
C GLY B 139 -7.33 -27.37 -4.73
N LYS B 140 -8.35 -27.83 -5.43
CA LYS B 140 -8.49 -29.23 -5.92
C LYS B 140 -8.83 -29.23 -7.41
N GLY B 141 -8.65 -28.09 -8.09
CA GLY B 141 -8.94 -27.94 -9.52
C GLY B 141 -7.83 -28.52 -10.38
N GLY B 142 -6.66 -28.76 -9.78
CA GLY B 142 -5.44 -29.19 -10.51
C GLY B 142 -4.99 -28.11 -11.46
N HIS B 143 -5.35 -26.85 -11.18
CA HIS B 143 -4.95 -25.65 -11.97
C HIS B 143 -3.74 -25.00 -11.29
N GLU B 144 -2.94 -24.25 -12.04
CA GLU B 144 -1.79 -23.48 -11.48
C GLU B 144 -2.30 -22.53 -10.38
N LEU B 145 -3.54 -22.03 -10.49
CA LEU B 145 -4.11 -21.05 -9.52
C LEU B 145 -4.85 -21.76 -8.38
N SER B 146 -5.02 -23.09 -8.44
CA SER B 146 -5.83 -23.86 -7.45
C SER B 146 -5.30 -23.57 -6.03
N LYS B 147 -3.98 -23.70 -5.82
CA LYS B 147 -3.33 -23.71 -4.49
C LYS B 147 -3.18 -22.28 -3.95
N THR B 148 -3.41 -21.26 -4.79
CA THR B 148 -3.19 -19.84 -4.43
C THR B 148 -4.55 -19.11 -4.34
N THR B 149 -5.40 -19.18 -5.37
CA THR B 149 -6.66 -18.39 -5.45
C THR B 149 -7.88 -19.29 -5.61
N GLY B 150 -7.69 -20.58 -5.90
CA GLY B 150 -8.78 -21.52 -6.22
C GLY B 150 -9.37 -21.27 -7.60
N ASN B 151 -8.71 -20.44 -8.40
CA ASN B 151 -9.01 -20.25 -9.85
C ASN B 151 -10.45 -19.72 -10.02
N ALA B 152 -10.88 -18.78 -9.18
CA ALA B 152 -12.30 -18.36 -9.09
C ALA B 152 -12.53 -17.11 -9.95
N GLY B 153 -11.53 -16.70 -10.74
CA GLY B 153 -11.69 -15.69 -11.80
C GLY B 153 -11.87 -14.31 -11.19
N GLY B 154 -12.56 -13.41 -11.91
CA GLY B 154 -12.53 -11.95 -11.65
C GLY B 154 -13.16 -11.59 -10.30
N ARG B 155 -12.82 -10.42 -9.77
CA ARG B 155 -13.41 -9.85 -8.55
C ARG B 155 -14.62 -8.99 -8.94
N VAL B 156 -15.81 -9.59 -9.02
CA VAL B 156 -17.02 -8.97 -9.64
C VAL B 156 -17.62 -7.94 -8.66
N ALA B 157 -17.40 -8.14 -7.37
CA ALA B 157 -17.84 -7.19 -6.31
C ALA B 157 -17.00 -7.37 -5.05
N CYS B 158 -16.79 -6.29 -4.31
CA CYS B 158 -16.07 -6.31 -3.02
C CYS B 158 -16.63 -5.21 -2.12
N GLY B 159 -16.45 -5.38 -0.82
CA GLY B 159 -16.89 -4.42 0.20
C GLY B 159 -15.90 -4.39 1.34
N ILE B 160 -15.61 -3.20 1.85
CA ILE B 160 -14.76 -3.06 3.06
C ILE B 160 -15.62 -3.45 4.27
N ILE B 161 -15.05 -4.26 5.16
CA ILE B 161 -15.74 -4.76 6.38
C ILE B 161 -15.66 -3.65 7.44
N GLY B 162 -16.75 -2.89 7.61
CA GLY B 162 -16.81 -1.71 8.50
C GLY B 162 -17.47 -2.05 9.82
N LEU B 163 -16.96 -1.45 10.91
CA LEU B 163 -17.54 -1.61 12.28
C LEU B 163 -19.00 -1.17 12.24
N GLN B 164 -19.88 -1.96 12.85
CA GLN B 164 -21.34 -1.67 12.91
C GLN B 164 -21.70 -1.37 14.36
N GLY B 165 -22.69 -0.49 14.57
CA GLY B 165 -23.16 -0.09 15.91
C GLY B 165 -24.00 -1.19 16.53
N GLN C 13 2.72 -9.17 11.43
CA GLN C 13 3.20 -8.07 10.55
C GLN C 13 2.85 -8.38 9.10
N MET C 14 2.48 -7.35 8.34
CA MET C 14 2.18 -7.44 6.89
C MET C 14 3.16 -6.53 6.13
N VAL C 15 4.01 -7.11 5.28
CA VAL C 15 4.98 -6.32 4.48
C VAL C 15 4.49 -6.32 3.03
N LYS C 16 4.61 -5.18 2.36
CA LYS C 16 4.27 -5.05 0.92
C LYS C 16 5.43 -4.40 0.18
N ALA C 17 5.55 -4.75 -1.09
CA ALA C 17 6.55 -4.20 -2.02
C ALA C 17 5.91 -4.21 -3.40
N VAL C 18 6.43 -3.39 -4.31
CA VAL C 18 5.90 -3.25 -5.69
C VAL C 18 7.07 -2.91 -6.62
N ALA C 19 7.09 -3.54 -7.79
CA ALA C 19 8.01 -3.22 -8.89
C ALA C 19 7.22 -2.62 -10.04
N VAL C 20 7.60 -1.41 -10.47
CA VAL C 20 7.04 -0.73 -11.67
C VAL C 20 8.00 -0.96 -12.83
N LEU C 21 7.57 -1.78 -13.80
CA LEU C 21 8.45 -2.32 -14.87
C LEU C 21 8.60 -1.28 -15.99
N GLY C 22 9.79 -1.21 -16.55
CA GLY C 22 10.17 -0.29 -17.65
C GLY C 22 11.33 -0.89 -18.41
N GLY C 23 11.60 -0.36 -19.59
CA GLY C 23 12.59 -0.89 -20.53
C GLY C 23 12.62 -0.02 -21.77
N THR C 24 13.30 -0.43 -22.82
CA THR C 24 13.49 0.37 -24.05
C THR C 24 12.51 -0.12 -25.12
N GLU C 25 11.47 -0.86 -24.72
CA GLU C 25 10.74 -1.80 -25.60
C GLU C 25 9.25 -1.43 -25.69
N GLY C 26 8.79 -0.49 -24.84
CA GLY C 26 7.37 -0.11 -24.74
C GLY C 26 6.56 -1.15 -24.00
N VAL C 27 7.23 -1.93 -23.13
CA VAL C 27 6.59 -2.91 -22.22
C VAL C 27 6.55 -2.31 -20.81
N LYS C 28 5.45 -2.56 -20.10
CA LYS C 28 5.10 -1.87 -18.83
C LYS C 28 4.52 -2.92 -17.87
N GLY C 29 4.22 -2.49 -16.65
CA GLY C 29 3.41 -3.29 -15.73
C GLY C 29 3.84 -3.10 -14.30
N THR C 30 3.12 -3.77 -13.41
CA THR C 30 3.23 -3.67 -11.95
C THR C 30 3.31 -5.10 -11.43
N VAL C 31 4.24 -5.35 -10.51
CA VAL C 31 4.34 -6.64 -9.78
C VAL C 31 4.25 -6.34 -8.28
N SER C 32 3.17 -6.78 -7.65
CA SER C 32 2.84 -6.50 -6.23
C SER C 32 3.22 -7.73 -5.40
N PHE C 33 4.04 -7.51 -4.37
CA PHE C 33 4.42 -8.52 -3.36
C PHE C 33 3.69 -8.23 -2.06
N THR C 34 3.27 -9.28 -1.37
CA THR C 34 2.81 -9.23 0.04
C THR C 34 3.38 -10.44 0.79
N GLN C 35 3.76 -10.22 2.05
CA GLN C 35 4.14 -11.28 3.01
C GLN C 35 3.54 -10.96 4.37
N GLU C 36 2.65 -11.83 4.86
CA GLU C 36 2.11 -11.81 6.25
C GLU C 36 3.03 -12.67 7.14
N GLY C 37 3.64 -12.06 8.16
CA GLY C 37 4.64 -12.70 9.02
C GLY C 37 5.77 -13.29 8.19
N ASP C 38 6.13 -14.55 8.45
CA ASP C 38 7.14 -15.29 7.64
C ASP C 38 6.44 -16.45 6.93
N GLY C 39 5.18 -16.23 6.50
CA GLY C 39 4.49 -17.06 5.50
C GLY C 39 5.10 -16.87 4.11
N PRO C 40 4.65 -17.61 3.08
CA PRO C 40 5.16 -17.39 1.72
C PRO C 40 4.83 -15.98 1.23
N THR C 41 5.67 -15.46 0.32
CA THR C 41 5.43 -14.21 -0.43
C THR C 41 4.43 -14.51 -1.55
N THR C 42 3.36 -13.72 -1.65
CA THR C 42 2.44 -13.73 -2.82
C THR C 42 2.91 -12.69 -3.82
N VAL C 43 3.13 -13.08 -5.07
CA VAL C 43 3.47 -12.07 -6.12
C VAL C 43 2.33 -12.06 -7.14
N SER C 44 1.82 -10.86 -7.40
CA SER C 44 0.66 -10.60 -8.27
C SER C 44 1.08 -9.60 -9.34
N GLY C 45 0.96 -9.99 -10.61
CA GLY C 45 1.50 -9.20 -11.73
C GLY C 45 0.44 -8.95 -12.77
N SER C 46 0.43 -7.74 -13.33
CA SER C 46 -0.22 -7.45 -14.62
C SER C 46 0.75 -6.66 -15.51
N LEU C 47 1.07 -7.24 -16.67
CA LEU C 47 2.14 -6.76 -17.59
C LEU C 47 1.48 -6.41 -18.92
N SER C 48 2.09 -5.50 -19.69
CA SER C 48 1.58 -5.12 -21.04
C SER C 48 2.75 -4.94 -22.02
N GLY C 49 2.43 -4.83 -23.31
CA GLY C 49 3.36 -4.52 -24.40
C GLY C 49 4.41 -5.59 -24.58
N LEU C 50 4.11 -6.85 -24.26
CA LEU C 50 5.05 -8.00 -24.37
C LEU C 50 4.66 -8.86 -25.57
N LYS C 51 5.63 -9.58 -26.14
CA LYS C 51 5.42 -10.61 -27.20
C LYS C 51 4.61 -11.76 -26.62
N PRO C 52 3.56 -12.23 -27.32
CA PRO C 52 2.82 -13.42 -26.89
C PRO C 52 3.76 -14.60 -26.60
N GLY C 53 3.44 -15.36 -25.56
CA GLY C 53 4.09 -16.64 -25.22
C GLY C 53 4.72 -16.59 -23.83
N PRO C 54 5.53 -17.62 -23.47
CA PRO C 54 6.15 -17.69 -22.15
C PRO C 54 7.37 -16.76 -22.04
N HIS C 55 7.48 -16.05 -20.91
CA HIS C 55 8.66 -15.21 -20.57
C HIS C 55 9.22 -15.63 -19.20
N GLY C 56 10.53 -15.88 -19.14
CA GLY C 56 11.30 -15.99 -17.90
C GLY C 56 11.08 -14.79 -17.00
N PHE C 57 10.77 -15.05 -15.73
CA PHE C 57 10.38 -14.05 -14.71
C PHE C 57 11.17 -14.34 -13.42
N HIS C 58 12.10 -13.46 -13.05
CA HIS C 58 13.08 -13.72 -11.98
C HIS C 58 13.25 -12.47 -11.12
N VAL C 59 13.65 -12.69 -9.87
CA VAL C 59 14.27 -11.66 -9.00
C VAL C 59 15.78 -11.72 -9.20
N HIS C 60 16.35 -10.60 -9.65
CA HIS C 60 17.81 -10.41 -9.84
C HIS C 60 18.38 -9.79 -8.56
N ALA C 61 19.69 -9.89 -8.37
CA ALA C 61 20.39 -9.68 -7.08
C ALA C 61 20.34 -8.19 -6.71
N LEU C 62 20.41 -7.29 -7.69
CA LEU C 62 20.75 -5.86 -7.46
C LEU C 62 19.60 -4.94 -7.91
N GLY C 63 19.49 -3.74 -7.33
CA GLY C 63 18.48 -2.74 -7.70
C GLY C 63 19.09 -1.57 -8.43
N ASP C 64 20.29 -1.75 -8.98
CA ASP C 64 21.03 -0.71 -9.72
C ASP C 64 20.48 -0.64 -11.16
N THR C 65 19.84 0.46 -11.55
CA THR C 65 19.36 0.70 -12.93
C THR C 65 20.16 1.81 -13.62
N THR C 66 21.38 2.10 -13.18
CA THR C 66 22.28 3.13 -13.77
C THR C 66 22.68 2.72 -15.19
N ASN C 67 22.71 1.42 -15.47
CA ASN C 67 22.85 0.87 -16.84
C ASN C 67 21.57 0.12 -17.23
N GLY C 68 20.41 0.71 -16.96
CA GLY C 68 19.10 0.05 -17.18
C GLY C 68 19.07 -1.32 -16.54
N CYS C 69 18.42 -2.29 -17.17
CA CYS C 69 18.14 -3.62 -16.58
C CYS C 69 19.42 -4.43 -16.46
N MET C 70 20.47 -4.09 -17.22
CA MET C 70 21.74 -4.86 -17.25
C MET C 70 22.42 -4.79 -15.88
N SER C 71 22.33 -3.66 -15.16
CA SER C 71 23.06 -3.42 -13.89
C SER C 71 22.38 -4.11 -12.71
N THR C 72 21.25 -4.79 -12.92
CA THR C 72 20.50 -5.51 -11.84
C THR C 72 21.17 -6.87 -11.56
N GLY C 73 22.28 -7.17 -12.24
CA GLY C 73 23.11 -8.33 -11.91
C GLY C 73 22.38 -9.63 -12.24
N PRO C 74 22.85 -10.78 -11.70
CA PRO C 74 22.30 -12.09 -12.05
C PRO C 74 21.07 -12.46 -11.20
N HIS C 75 20.54 -13.68 -11.35
CA HIS C 75 19.47 -14.23 -10.49
C HIS C 75 19.90 -14.14 -9.02
N PHE C 76 19.04 -13.60 -8.16
CA PHE C 76 19.25 -13.60 -6.69
C PHE C 76 19.48 -15.06 -6.27
N ASN C 77 20.63 -15.34 -5.66
CA ASN C 77 21.12 -16.72 -5.43
C ASN C 77 21.82 -16.80 -4.06
N PRO C 78 21.12 -16.44 -2.97
CA PRO C 78 21.73 -16.42 -1.64
C PRO C 78 22.23 -17.80 -1.21
N ALA C 79 21.66 -18.89 -1.74
CA ALA C 79 21.95 -20.28 -1.31
C ALA C 79 23.12 -20.84 -2.13
N GLY C 80 23.53 -20.16 -3.21
CA GLY C 80 24.60 -20.62 -4.11
C GLY C 80 24.26 -21.95 -4.74
N LYS C 81 23.07 -22.05 -5.34
CA LYS C 81 22.61 -23.23 -6.12
C LYS C 81 22.64 -22.89 -7.61
N GLU C 82 22.28 -23.86 -8.47
CA GLU C 82 22.14 -23.64 -9.92
C GLU C 82 20.72 -23.16 -10.22
N HIS C 83 20.49 -22.78 -11.47
CA HIS C 83 19.17 -22.34 -11.98
C HIS C 83 18.23 -23.55 -12.04
N GLY C 84 16.96 -23.35 -11.67
CA GLY C 84 15.96 -24.43 -11.75
C GLY C 84 14.55 -23.90 -11.86
N ALA C 85 13.58 -24.79 -11.66
CA ALA C 85 12.13 -24.49 -11.56
C ALA C 85 11.80 -24.06 -10.14
N PRO C 86 10.75 -23.24 -9.97
CA PRO C 86 10.26 -22.90 -8.63
C PRO C 86 10.08 -24.11 -7.73
N GLU C 87 9.61 -25.26 -8.25
CA GLU C 87 9.27 -26.43 -7.38
C GLU C 87 10.53 -27.25 -7.05
N ASP C 88 11.65 -27.00 -7.73
CA ASP C 88 12.92 -27.77 -7.56
C ASP C 88 13.59 -27.35 -6.25
N ASP C 89 14.43 -28.24 -5.68
CA ASP C 89 15.35 -27.92 -4.57
C ASP C 89 16.59 -27.19 -5.12
N ASN C 90 17.06 -27.57 -6.30
CA ASN C 90 18.25 -26.96 -6.95
C ASN C 90 17.76 -25.79 -7.81
N ARG C 91 17.57 -24.64 -7.17
CA ARG C 91 17.09 -23.39 -7.81
C ARG C 91 17.77 -22.20 -7.14
N HIS C 92 17.82 -21.07 -7.84
CA HIS C 92 17.98 -19.71 -7.25
C HIS C 92 16.71 -19.30 -6.49
N ALA C 93 16.90 -18.62 -5.37
CA ALA C 93 15.85 -17.81 -4.68
C ALA C 93 15.02 -17.05 -5.71
N GLY C 94 15.66 -16.45 -6.71
CA GLY C 94 15.02 -15.55 -7.69
C GLY C 94 14.27 -16.30 -8.77
N ASP C 95 14.30 -17.64 -8.77
CA ASP C 95 13.80 -18.49 -9.87
C ASP C 95 12.28 -18.66 -9.74
N LEU C 96 11.51 -17.79 -10.39
CA LEU C 96 10.02 -17.80 -10.32
C LEU C 96 9.44 -18.28 -11.65
N GLY C 97 10.27 -18.88 -12.52
CA GLY C 97 9.81 -19.64 -13.69
C GLY C 97 9.34 -18.74 -14.82
N ASN C 98 8.25 -19.13 -15.50
CA ASN C 98 7.69 -18.42 -16.69
C ASN C 98 6.35 -17.76 -16.31
N VAL C 99 6.09 -16.59 -16.87
CA VAL C 99 4.73 -16.00 -16.95
C VAL C 99 4.27 -16.04 -18.41
N ASN C 100 2.97 -16.23 -18.64
CA ASN C 100 2.39 -16.48 -19.98
C ASN C 100 1.73 -15.19 -20.48
N VAL C 101 2.18 -14.68 -21.64
CA VAL C 101 1.64 -13.44 -22.25
C VAL C 101 0.67 -13.81 -23.37
N SER C 102 -0.57 -13.29 -23.28
CA SER C 102 -1.68 -13.46 -24.25
C SER C 102 -1.35 -12.73 -25.56
N ASP C 103 -2.09 -13.05 -26.62
CA ASP C 103 -1.96 -12.43 -27.97
C ASP C 103 -2.18 -10.91 -27.85
N ASP C 104 -2.75 -10.43 -26.75
CA ASP C 104 -3.03 -8.99 -26.55
C ASP C 104 -1.83 -8.32 -25.86
N GLY C 105 -0.75 -9.07 -25.64
CA GLY C 105 0.54 -8.54 -25.13
C GLY C 105 0.55 -8.40 -23.62
N THR C 106 -0.51 -8.85 -22.92
CA THR C 106 -0.70 -8.67 -21.46
C THR C 106 -0.50 -10.01 -20.74
N ALA C 107 0.04 -9.97 -19.52
CA ALA C 107 0.12 -11.13 -18.61
C ALA C 107 -0.57 -10.75 -17.29
N THR C 108 -1.29 -11.72 -16.71
CA THR C 108 -2.05 -11.61 -15.45
C THR C 108 -1.73 -12.87 -14.64
N PHE C 109 -1.05 -12.75 -13.51
CA PHE C 109 -0.49 -13.94 -12.82
C PHE C 109 -0.44 -13.73 -11.31
N THR C 110 -0.63 -14.84 -10.58
CA THR C 110 -0.39 -14.96 -9.13
C THR C 110 0.46 -16.20 -8.89
N VAL C 111 1.54 -16.05 -8.12
CA VAL C 111 2.41 -17.17 -7.67
C VAL C 111 2.71 -16.92 -6.20
N VAL C 112 2.88 -18.00 -5.42
CA VAL C 112 3.46 -17.93 -4.05
C VAL C 112 4.82 -18.59 -4.10
N ASP C 113 5.73 -18.17 -3.22
CA ASP C 113 7.11 -18.70 -3.14
C ASP C 113 7.68 -18.34 -1.78
N ASN C 114 8.46 -19.22 -1.14
CA ASN C 114 9.00 -18.94 0.22
C ASN C 114 10.50 -18.66 0.17
N GLN C 115 11.06 -18.26 -0.98
CA GLN C 115 12.52 -17.96 -1.10
C GLN C 115 12.72 -16.47 -1.39
N ILE C 116 11.64 -15.70 -1.44
CA ILE C 116 11.69 -14.23 -1.75
C ILE C 116 11.02 -13.48 -0.60
N PRO C 117 11.55 -13.59 0.64
CA PRO C 117 11.01 -12.84 1.78
C PRO C 117 11.09 -11.33 1.49
N LEU C 118 10.29 -10.53 2.19
CA LEU C 118 10.22 -9.05 2.02
C LEU C 118 10.89 -8.37 3.21
N SER C 119 11.53 -9.16 4.08
CA SER C 119 12.29 -8.71 5.27
C SER C 119 13.31 -9.79 5.65
N GLY C 120 14.22 -9.45 6.56
CA GLY C 120 15.29 -10.36 7.04
C GLY C 120 16.46 -10.47 6.07
N PRO C 121 17.40 -11.41 6.33
CA PRO C 121 18.71 -11.39 5.68
C PRO C 121 18.62 -11.59 4.16
N ASN C 122 17.59 -12.29 3.69
CA ASN C 122 17.43 -12.68 2.26
C ASN C 122 16.35 -11.82 1.61
N SER C 123 16.02 -10.67 2.23
CA SER C 123 14.97 -9.74 1.75
C SER C 123 15.28 -9.32 0.32
N ILE C 124 14.25 -9.28 -0.52
CA ILE C 124 14.30 -8.89 -1.95
C ILE C 124 14.02 -7.39 -2.09
N ILE C 125 13.72 -6.69 -1.01
CA ILE C 125 13.50 -5.21 -1.03
C ILE C 125 14.80 -4.55 -1.54
N GLY C 126 14.69 -3.73 -2.59
CA GLY C 126 15.82 -2.96 -3.13
C GLY C 126 16.59 -3.77 -4.16
N ARG C 127 16.13 -5.00 -4.43
CA ARG C 127 16.61 -5.82 -5.57
C ARG C 127 15.70 -5.53 -6.77
N ALA C 128 15.64 -6.41 -7.75
CA ALA C 128 14.91 -6.11 -9.01
C ALA C 128 14.16 -7.33 -9.50
N VAL C 129 13.01 -7.11 -10.10
CA VAL C 129 12.33 -8.13 -10.93
C VAL C 129 12.66 -7.83 -12.39
N VAL C 130 12.88 -8.87 -13.16
CA VAL C 130 13.20 -8.79 -14.61
C VAL C 130 12.29 -9.77 -15.33
N VAL C 131 11.61 -9.30 -16.37
CA VAL C 131 10.96 -10.20 -17.36
C VAL C 131 11.89 -10.33 -18.56
N HIS C 132 12.17 -11.56 -18.97
CA HIS C 132 13.12 -11.91 -20.04
C HIS C 132 12.35 -12.05 -21.36
N ALA C 133 13.07 -12.01 -22.49
CA ALA C 133 12.53 -11.99 -23.86
C ALA C 133 11.88 -13.35 -24.17
N ASP C 134 12.47 -14.43 -23.64
CA ASP C 134 12.22 -15.83 -24.07
C ASP C 134 11.77 -16.63 -22.85
N PRO C 135 11.28 -17.86 -23.08
CA PRO C 135 10.98 -18.78 -21.98
C PRO C 135 12.23 -19.14 -21.17
N ASP C 136 12.04 -19.27 -19.86
CA ASP C 136 12.95 -20.00 -18.93
C ASP C 136 12.79 -21.51 -19.18
N ASP C 137 13.90 -22.20 -19.48
CA ASP C 137 13.91 -23.66 -19.75
C ASP C 137 13.97 -24.41 -18.41
N LEU C 138 14.00 -23.67 -17.30
CA LEU C 138 13.88 -24.21 -15.92
C LEU C 138 15.09 -25.09 -15.61
N GLY C 139 16.18 -24.87 -16.34
CA GLY C 139 17.46 -25.57 -16.13
C GLY C 139 17.46 -26.96 -16.76
N LYS C 140 16.47 -27.26 -17.61
CA LYS C 140 16.26 -28.65 -18.13
C LYS C 140 16.45 -28.70 -19.65
N GLY C 141 16.77 -27.57 -20.29
CA GLY C 141 16.83 -27.46 -21.76
C GLY C 141 18.08 -28.10 -22.35
N GLY C 142 19.04 -28.50 -21.49
CA GLY C 142 20.34 -29.04 -21.92
C GLY C 142 21.08 -28.05 -22.82
N HIS C 143 20.89 -26.74 -22.57
CA HIS C 143 21.63 -25.63 -23.23
C HIS C 143 22.77 -25.19 -22.29
N GLU C 144 23.82 -24.60 -22.83
CA GLU C 144 25.04 -24.26 -22.05
C GLU C 144 24.65 -23.26 -20.95
N LEU C 145 23.56 -22.50 -21.15
CA LEU C 145 23.10 -21.50 -20.15
C LEU C 145 21.97 -22.06 -19.27
N SER C 146 21.50 -23.29 -19.53
CA SER C 146 20.33 -23.88 -18.82
C SER C 146 20.52 -23.76 -17.29
N LYS C 147 21.72 -24.03 -16.78
CA LYS C 147 21.99 -24.22 -15.33
C LYS C 147 22.37 -22.90 -14.64
N THR C 148 22.43 -21.79 -15.38
CA THR C 148 22.73 -20.43 -14.83
C THR C 148 21.51 -19.53 -15.00
N THR C 149 20.95 -19.43 -16.20
CA THR C 149 19.92 -18.40 -16.55
C THR C 149 18.64 -19.04 -17.10
N GLY C 150 18.65 -20.34 -17.39
CA GLY C 150 17.56 -21.04 -18.11
C GLY C 150 17.41 -20.55 -19.55
N ASN C 151 18.41 -19.84 -20.07
CA ASN C 151 18.48 -19.46 -21.51
C ASN C 151 17.24 -18.64 -21.89
N ALA C 152 16.85 -17.69 -21.04
CA ALA C 152 15.58 -16.94 -21.14
C ALA C 152 15.78 -15.66 -21.97
N GLY C 153 16.95 -15.52 -22.61
CA GLY C 153 17.27 -14.38 -23.48
C GLY C 153 17.28 -13.07 -22.71
N GLY C 154 17.05 -11.95 -23.40
CA GLY C 154 17.44 -10.60 -22.97
C GLY C 154 16.52 -10.10 -21.87
N ARG C 155 16.87 -8.96 -21.27
CA ARG C 155 16.05 -8.26 -20.24
C ARG C 155 15.15 -7.26 -20.96
N VAL C 156 13.86 -7.57 -21.10
CA VAL C 156 12.89 -6.78 -21.92
C VAL C 156 12.34 -5.64 -21.04
N ALA C 157 12.19 -5.90 -19.74
CA ALA C 157 11.72 -4.94 -18.74
C ALA C 157 12.21 -5.37 -17.36
N CYS C 158 12.42 -4.41 -16.46
CA CYS C 158 12.78 -4.68 -15.05
C CYS C 158 12.22 -3.57 -14.17
N GLY C 159 12.18 -3.83 -12.86
CA GLY C 159 11.73 -2.83 -11.88
C GLY C 159 12.37 -3.10 -10.53
N ILE C 160 12.91 -2.06 -9.90
CA ILE C 160 13.36 -2.15 -8.49
C ILE C 160 12.15 -2.49 -7.61
N ILE C 161 12.34 -3.42 -6.67
CA ILE C 161 11.31 -3.87 -5.68
C ILE C 161 11.27 -2.83 -4.54
N GLY C 162 10.36 -1.87 -4.63
CA GLY C 162 10.21 -0.78 -3.66
C GLY C 162 9.27 -1.15 -2.52
N LEU C 163 9.61 -0.72 -1.30
CA LEU C 163 8.78 -0.90 -0.07
C LEU C 163 7.45 -0.18 -0.27
N GLN C 164 6.34 -0.89 -0.01
CA GLN C 164 4.96 -0.38 -0.25
C GLN C 164 4.14 -0.36 1.05
N GLY C 165 4.54 -1.14 2.06
CA GLY C 165 3.79 -1.26 3.31
C GLY C 165 4.50 -2.11 4.33
N GLN D 13 32.12 -4.03 6.85
CA GLN D 13 31.29 -4.36 5.65
C GLN D 13 30.62 -3.08 5.12
N MET D 14 30.94 -2.72 3.88
CA MET D 14 30.36 -1.59 3.11
C MET D 14 29.04 -2.08 2.48
N VAL D 15 27.93 -1.41 2.75
CA VAL D 15 26.69 -1.50 1.90
C VAL D 15 26.65 -0.29 0.97
N LYS D 16 26.31 -0.54 -0.29
CA LYS D 16 26.19 0.48 -1.37
C LYS D 16 24.75 0.46 -1.91
N ALA D 17 24.23 1.63 -2.27
CA ALA D 17 22.90 1.78 -2.90
C ALA D 17 22.91 3.00 -3.82
N VAL D 18 22.05 2.99 -4.82
CA VAL D 18 21.94 4.09 -5.82
C VAL D 18 20.47 4.27 -6.22
N ALA D 19 20.03 5.53 -6.30
CA ALA D 19 18.73 5.93 -6.86
C ALA D 19 18.96 6.66 -8.17
N VAL D 20 18.29 6.21 -9.23
CA VAL D 20 18.16 6.93 -10.52
C VAL D 20 16.86 7.74 -10.47
N LEU D 21 16.97 9.06 -10.49
CA LEU D 21 15.83 9.99 -10.31
C LEU D 21 15.19 10.29 -11.65
N GLY D 22 13.87 10.12 -11.73
CA GLY D 22 13.03 10.60 -12.85
C GLY D 22 11.81 11.31 -12.33
N GLY D 23 10.98 11.82 -13.25
CA GLY D 23 9.94 12.82 -12.99
C GLY D 23 9.33 13.21 -14.30
N THR D 24 8.24 13.98 -14.29
CA THR D 24 7.55 14.44 -15.53
C THR D 24 8.04 15.85 -15.87
N GLU D 25 9.06 16.35 -15.15
CA GLU D 25 9.43 17.78 -15.09
C GLU D 25 10.79 18.00 -15.76
N GLY D 26 11.42 16.93 -16.24
CA GLY D 26 12.69 17.00 -16.99
C GLY D 26 13.90 17.16 -16.08
N VAL D 27 13.70 17.13 -14.76
CA VAL D 27 14.84 17.06 -13.79
C VAL D 27 15.23 15.58 -13.62
N LYS D 28 16.54 15.31 -13.64
CA LYS D 28 17.13 13.94 -13.64
C LYS D 28 18.34 13.94 -12.70
N GLY D 29 18.94 12.76 -12.50
CA GLY D 29 20.20 12.61 -11.76
C GLY D 29 20.28 11.27 -11.06
N THR D 30 21.27 11.12 -10.18
CA THR D 30 21.48 9.95 -9.32
C THR D 30 21.81 10.43 -7.91
N VAL D 31 21.52 9.58 -6.93
CA VAL D 31 21.98 9.75 -5.54
C VAL D 31 22.59 8.42 -5.11
N SER D 32 23.85 8.46 -4.72
CA SER D 32 24.67 7.27 -4.33
C SER D 32 24.81 7.27 -2.81
N PHE D 33 24.45 6.15 -2.18
CA PHE D 33 24.54 5.95 -0.72
C PHE D 33 25.62 4.90 -0.44
N THR D 34 26.36 5.11 0.64
CA THR D 34 27.27 4.12 1.27
C THR D 34 27.19 4.22 2.78
N GLN D 35 27.36 3.08 3.44
CA GLN D 35 27.43 2.94 4.92
C GLN D 35 28.35 1.76 5.23
N GLU D 36 29.46 2.04 5.92
CA GLU D 36 30.35 1.05 6.55
C GLU D 36 29.77 0.68 7.92
N GLY D 37 29.62 -0.62 8.21
CA GLY D 37 28.91 -1.12 9.40
C GLY D 37 27.68 -0.29 9.73
N ASP D 38 27.57 0.19 10.97
CA ASP D 38 26.36 0.89 11.49
C ASP D 38 26.73 2.34 11.82
N GLY D 39 27.77 2.86 11.15
CA GLY D 39 28.16 4.28 11.19
C GLY D 39 27.27 5.13 10.29
N PRO D 40 27.66 6.39 10.01
CA PRO D 40 26.84 7.29 9.22
C PRO D 40 26.66 6.82 7.78
N THR D 41 25.62 7.32 7.10
CA THR D 41 25.42 7.13 5.65
C THR D 41 26.00 8.32 4.90
N THR D 42 26.90 8.08 3.94
CA THR D 42 27.37 9.11 3.00
C THR D 42 26.43 9.12 1.79
N VAL D 43 25.96 10.29 1.38
CA VAL D 43 25.03 10.42 0.23
C VAL D 43 25.58 11.47 -0.72
N SER D 44 25.87 11.04 -1.94
CA SER D 44 26.48 11.89 -3.01
C SER D 44 25.47 12.02 -4.13
N GLY D 45 25.01 13.25 -4.37
CA GLY D 45 24.01 13.58 -5.38
C GLY D 45 24.66 14.23 -6.59
N SER D 46 24.17 13.88 -7.77
CA SER D 46 24.41 14.59 -9.05
C SER D 46 23.06 14.81 -9.74
N LEU D 47 22.58 16.05 -9.76
CA LEU D 47 21.23 16.46 -10.23
C LEU D 47 21.36 17.40 -11.42
N SER D 48 20.37 17.40 -12.32
CA SER D 48 20.27 18.34 -13.47
C SER D 48 18.81 18.73 -13.69
N GLY D 49 18.57 19.84 -14.40
CA GLY D 49 17.25 20.25 -14.92
C GLY D 49 16.42 20.98 -13.88
N LEU D 50 17.06 21.46 -12.81
CA LEU D 50 16.38 22.12 -11.66
C LEU D 50 16.53 23.64 -11.77
N LYS D 51 15.48 24.37 -11.40
CA LYS D 51 15.48 25.82 -11.05
C LYS D 51 16.64 26.12 -10.11
N PRO D 52 17.44 27.18 -10.38
CA PRO D 52 18.49 27.61 -9.46
C PRO D 52 17.96 27.83 -8.04
N GLY D 53 18.80 27.59 -7.03
CA GLY D 53 18.51 27.90 -5.62
C GLY D 53 18.21 26.65 -4.81
N PRO D 54 17.65 26.80 -3.59
CA PRO D 54 17.44 25.69 -2.66
C PRO D 54 16.25 24.82 -3.08
N HIS D 55 16.40 23.50 -2.97
CA HIS D 55 15.33 22.49 -3.22
C HIS D 55 15.25 21.54 -2.03
N GLY D 56 14.03 21.28 -1.54
CA GLY D 56 13.78 20.23 -0.54
C GLY D 56 14.30 18.90 -1.03
N PHE D 57 14.89 18.11 -0.13
CA PHE D 57 15.60 16.84 -0.43
C PHE D 57 15.35 15.86 0.71
N HIS D 58 14.53 14.84 0.46
CA HIS D 58 13.91 13.97 1.49
C HIS D 58 14.08 12.49 1.11
N VAL D 59 14.25 11.63 2.10
CA VAL D 59 13.87 10.20 2.01
C VAL D 59 12.41 10.04 2.46
N HIS D 60 11.54 9.65 1.53
CA HIS D 60 10.11 9.32 1.79
C HIS D 60 10.00 7.86 2.22
N ALA D 61 8.88 7.49 2.85
CA ALA D 61 8.72 6.23 3.61
C ALA D 61 8.68 5.04 2.65
N LEU D 62 8.24 5.24 1.40
CA LEU D 62 7.92 4.15 0.44
C LEU D 62 8.74 4.32 -0.84
N GLY D 63 8.96 3.22 -1.56
CA GLY D 63 9.56 3.19 -2.91
C GLY D 63 8.53 2.81 -3.95
N ASP D 64 7.27 3.17 -3.70
CA ASP D 64 6.12 2.88 -4.61
C ASP D 64 5.99 4.04 -5.60
N THR D 65 6.18 3.76 -6.89
CA THR D 65 6.18 4.76 -7.98
C THR D 65 5.02 4.45 -8.94
N THR D 66 4.06 3.62 -8.53
CA THR D 66 2.90 3.23 -9.37
C THR D 66 2.18 4.50 -9.85
N ASN D 67 2.17 5.56 -9.03
CA ASN D 67 1.62 6.88 -9.41
C ASN D 67 2.76 7.91 -9.39
N GLY D 68 3.86 7.63 -10.09
CA GLY D 68 5.08 8.45 -10.05
C GLY D 68 5.49 8.77 -8.61
N CYS D 69 6.06 9.95 -8.40
CA CYS D 69 6.66 10.35 -7.09
C CYS D 69 5.56 10.51 -6.04
N MET D 70 4.30 10.66 -6.48
CA MET D 70 3.17 10.94 -5.58
C MET D 70 2.85 9.72 -4.69
N SER D 71 3.27 8.50 -5.05
CA SER D 71 2.92 7.26 -4.32
C SER D 71 4.00 6.87 -3.29
N THR D 72 5.07 7.67 -3.14
CA THR D 72 6.23 7.34 -2.27
C THR D 72 5.92 7.67 -0.80
N GLY D 73 4.70 8.15 -0.52
CA GLY D 73 4.19 8.31 0.86
C GLY D 73 4.81 9.53 1.55
N PRO D 74 4.70 9.65 2.89
CA PRO D 74 5.18 10.82 3.61
C PRO D 74 6.69 10.71 3.87
N HIS D 75 7.26 11.63 4.65
CA HIS D 75 8.70 11.58 5.04
C HIS D 75 8.92 10.33 5.89
N PHE D 76 10.01 9.60 5.64
CA PHE D 76 10.46 8.48 6.51
C PHE D 76 10.69 9.03 7.93
N ASN D 77 9.97 8.47 8.91
CA ASN D 77 9.82 9.05 10.27
C ASN D 77 9.62 7.94 11.30
N PRO D 78 10.58 6.99 11.44
CA PRO D 78 10.49 5.93 12.44
C PRO D 78 10.45 6.45 13.88
N ALA D 79 11.05 7.62 14.16
CA ALA D 79 11.12 8.24 15.51
C ALA D 79 9.82 8.99 15.84
N GLY D 80 8.91 9.15 14.89
CA GLY D 80 7.61 9.82 15.15
C GLY D 80 7.80 11.25 15.64
N LYS D 81 8.75 11.97 15.03
CA LYS D 81 9.04 13.39 15.33
C LYS D 81 8.31 14.28 14.32
N GLU D 82 8.40 15.59 14.50
CA GLU D 82 7.93 16.60 13.51
C GLU D 82 9.03 16.82 12.46
N HIS D 83 8.66 17.46 11.35
CA HIS D 83 9.58 17.93 10.30
C HIS D 83 10.56 18.96 10.86
N GLY D 84 11.85 18.84 10.50
CA GLY D 84 12.88 19.80 10.88
C GLY D 84 14.03 19.80 9.90
N ALA D 85 15.12 20.45 10.31
CA ALA D 85 16.40 20.53 9.56
C ALA D 85 17.27 19.33 9.95
N PRO D 86 18.15 18.87 9.05
CA PRO D 86 19.06 17.77 9.36
C PRO D 86 19.71 17.91 10.75
N GLU D 87 20.15 19.12 11.10
CA GLU D 87 20.89 19.43 12.36
C GLU D 87 19.97 19.35 13.59
N ASP D 88 18.64 19.41 13.41
CA ASP D 88 17.68 19.45 14.54
C ASP D 88 17.59 18.06 15.20
N ASP D 89 17.36 18.03 16.52
CA ASP D 89 16.91 16.83 17.29
C ASP D 89 15.49 16.45 16.83
N ASN D 90 14.61 17.45 16.73
CA ASN D 90 13.18 17.28 16.32
C ASN D 90 13.10 17.30 14.80
N ARG D 91 13.35 16.16 14.17
CA ARG D 91 13.33 16.01 12.70
C ARG D 91 12.91 14.58 12.36
N HIS D 92 12.41 14.39 11.15
CA HIS D 92 12.23 13.07 10.50
C HIS D 92 13.60 12.48 10.15
N ALA D 93 13.73 11.15 10.16
CA ALA D 93 14.93 10.44 9.65
C ALA D 93 15.23 10.91 8.22
N GLY D 94 14.19 11.16 7.41
CA GLY D 94 14.30 11.44 5.96
C GLY D 94 14.52 12.91 5.64
N ASP D 95 14.67 13.76 6.66
CA ASP D 95 14.82 15.24 6.50
C ASP D 95 16.29 15.57 6.26
N LEU D 96 16.71 15.64 4.99
CA LEU D 96 18.12 15.91 4.60
C LEU D 96 18.22 17.37 4.12
N GLY D 97 17.17 18.16 4.33
CA GLY D 97 17.18 19.62 4.21
C GLY D 97 17.10 20.08 2.76
N ASN D 98 17.94 21.06 2.40
CA ASN D 98 17.93 21.71 1.06
C ASN D 98 19.24 21.35 0.38
N VAL D 99 19.16 21.12 -0.94
CA VAL D 99 20.34 21.07 -1.83
C VAL D 99 20.31 22.31 -2.71
N ASN D 100 21.45 22.94 -2.91
CA ASN D 100 21.58 24.21 -3.67
C ASN D 100 21.90 23.88 -5.12
N VAL D 101 21.01 24.29 -6.02
CA VAL D 101 21.16 24.15 -7.50
C VAL D 101 21.84 25.40 -8.06
N SER D 102 22.89 25.20 -8.86
CA SER D 102 23.69 26.26 -9.53
C SER D 102 22.85 26.93 -10.62
N ASP D 103 23.39 27.98 -11.23
CA ASP D 103 22.67 28.80 -12.24
C ASP D 103 22.43 27.95 -13.49
N ASP D 104 23.19 26.87 -13.68
CA ASP D 104 23.05 25.96 -14.86
C ASP D 104 22.04 24.87 -14.54
N GLY D 105 21.45 24.88 -13.33
CA GLY D 105 20.36 23.97 -12.95
C GLY D 105 20.89 22.59 -12.57
N THR D 106 22.18 22.49 -12.25
CA THR D 106 22.83 21.26 -11.71
C THR D 106 23.09 21.44 -10.21
N ALA D 107 23.24 20.32 -9.51
CA ALA D 107 23.76 20.24 -8.14
C ALA D 107 24.66 18.99 -8.03
N THR D 108 25.84 19.17 -7.44
CA THR D 108 26.73 18.06 -7.02
C THR D 108 27.09 18.26 -5.56
N PHE D 109 26.81 17.27 -4.71
CA PHE D 109 26.93 17.41 -3.24
C PHE D 109 27.15 16.05 -2.59
N THR D 110 27.88 16.08 -1.48
CA THR D 110 27.99 14.98 -0.50
C THR D 110 27.49 15.48 0.85
N VAL D 111 26.48 14.82 1.41
CA VAL D 111 26.08 15.00 2.83
C VAL D 111 26.30 13.66 3.55
N VAL D 112 26.58 13.72 4.85
CA VAL D 112 26.66 12.54 5.75
C VAL D 112 25.56 12.68 6.81
N ASP D 113 24.82 11.60 7.07
CA ASP D 113 23.63 11.62 7.98
C ASP D 113 23.54 10.33 8.78
N ASN D 114 23.00 10.41 9.99
CA ASN D 114 23.10 9.30 10.96
C ASN D 114 21.75 8.61 11.14
N GLN D 115 20.74 8.98 10.36
CA GLN D 115 19.36 8.43 10.51
C GLN D 115 18.85 7.77 9.22
N ILE D 116 19.73 7.51 8.23
CA ILE D 116 19.33 6.88 6.95
C ILE D 116 20.22 5.67 6.71
N PRO D 117 20.11 4.63 7.57
CA PRO D 117 20.96 3.45 7.45
C PRO D 117 20.60 2.67 6.18
N LEU D 118 21.52 1.79 5.73
CA LEU D 118 21.33 0.99 4.51
C LEU D 118 21.07 -0.47 4.89
N SER D 119 20.91 -0.73 6.19
CA SER D 119 20.68 -2.09 6.74
C SER D 119 19.94 -1.99 8.08
N GLY D 120 19.41 -3.12 8.56
CA GLY D 120 18.67 -3.20 9.83
C GLY D 120 17.25 -2.66 9.72
N PRO D 121 16.52 -2.60 10.85
CA PRO D 121 15.08 -2.28 10.83
C PRO D 121 14.68 -0.96 10.18
N ASN D 122 15.52 0.07 10.25
CA ASN D 122 15.23 1.43 9.68
C ASN D 122 15.93 1.63 8.33
N SER D 123 16.39 0.55 7.68
CA SER D 123 17.00 0.59 6.32
C SER D 123 16.13 1.42 5.37
N ILE D 124 16.77 2.28 4.56
CA ILE D 124 16.10 3.10 3.50
C ILE D 124 16.22 2.39 2.15
N ILE D 125 16.84 1.21 2.12
CA ILE D 125 16.87 0.35 0.90
C ILE D 125 15.41 0.14 0.47
N GLY D 126 15.09 0.47 -0.78
CA GLY D 126 13.78 0.18 -1.38
C GLY D 126 12.78 1.28 -1.07
N ARG D 127 13.24 2.34 -0.39
CA ARG D 127 12.46 3.60 -0.23
C ARG D 127 12.88 4.54 -1.35
N ALA D 128 12.26 5.72 -1.43
CA ALA D 128 12.54 6.71 -2.49
C ALA D 128 13.15 7.95 -1.86
N VAL D 129 14.21 8.48 -2.49
CA VAL D 129 14.69 9.88 -2.28
C VAL D 129 13.94 10.75 -3.28
N VAL D 130 13.55 11.96 -2.85
CA VAL D 130 12.65 12.88 -3.60
C VAL D 130 13.31 14.26 -3.59
N VAL D 131 13.43 14.89 -4.76
CA VAL D 131 13.80 16.33 -4.91
C VAL D 131 12.51 17.11 -5.14
N HIS D 132 12.39 18.28 -4.51
CA HIS D 132 11.16 19.09 -4.49
C HIS D 132 11.36 20.32 -5.38
N ALA D 133 10.26 20.96 -5.82
CA ALA D 133 10.27 22.15 -6.71
C ALA D 133 10.82 23.35 -5.94
N ASP D 134 10.56 23.42 -4.63
CA ASP D 134 10.70 24.64 -3.80
C ASP D 134 11.59 24.33 -2.62
N PRO D 135 12.14 25.37 -1.93
CA PRO D 135 12.84 25.16 -0.66
C PRO D 135 11.99 24.46 0.41
N ASP D 136 12.66 23.66 1.23
CA ASP D 136 12.17 23.09 2.50
C ASP D 136 12.33 24.16 3.60
N ASP D 137 11.23 24.59 4.25
CA ASP D 137 11.27 25.70 5.23
C ASP D 137 11.81 25.16 6.57
N LEU D 138 12.19 23.87 6.60
CA LEU D 138 12.85 23.20 7.75
C LEU D 138 11.96 23.30 9.00
N GLY D 139 10.65 23.47 8.80
CA GLY D 139 9.66 23.42 9.89
C GLY D 139 9.44 24.80 10.53
N LYS D 140 10.00 25.85 9.94
CA LYS D 140 10.18 27.18 10.59
C LYS D 140 9.42 28.24 9.77
N GLY D 141 8.69 27.82 8.74
CA GLY D 141 8.07 28.73 7.74
C GLY D 141 6.75 29.31 8.24
N GLY D 142 6.25 28.81 9.38
CA GLY D 142 4.97 29.20 9.97
C GLY D 142 3.80 28.99 9.02
N HIS D 143 3.94 28.08 8.04
CA HIS D 143 2.89 27.68 7.08
C HIS D 143 2.25 26.39 7.60
N GLU D 144 1.03 26.05 7.15
CA GLU D 144 0.26 24.91 7.73
C GLU D 144 1.04 23.61 7.47
N LEU D 145 1.90 23.58 6.44
CA LEU D 145 2.63 22.36 6.02
C LEU D 145 4.05 22.35 6.62
N SER D 146 4.48 23.44 7.27
CA SER D 146 5.88 23.60 7.75
C SER D 146 6.28 22.37 8.58
N LYS D 147 5.46 21.99 9.56
CA LYS D 147 5.82 21.04 10.64
C LYS D 147 5.60 19.60 10.19
N THR D 148 5.07 19.39 8.98
CA THR D 148 4.80 18.04 8.42
C THR D 148 5.70 17.78 7.20
N THR D 149 5.73 18.69 6.22
CA THR D 149 6.40 18.48 4.91
C THR D 149 7.49 19.53 4.65
N GLY D 150 7.49 20.63 5.42
CA GLY D 150 8.39 21.77 5.17
C GLY D 150 7.96 22.57 3.95
N ASN D 151 6.77 22.27 3.41
CA ASN D 151 6.09 23.09 2.37
C ASN D 151 7.02 23.26 1.17
N ALA D 152 7.55 22.15 0.63
CA ALA D 152 8.63 22.13 -0.38
C ALA D 152 8.04 22.04 -1.80
N GLY D 153 6.71 22.05 -1.92
CA GLY D 153 6.01 21.96 -3.21
C GLY D 153 6.24 20.63 -3.90
N GLY D 154 6.11 20.59 -5.23
CA GLY D 154 5.89 19.37 -6.01
C GLY D 154 7.08 18.43 -5.96
N ARG D 155 6.82 17.13 -6.08
CA ARG D 155 7.87 16.08 -6.11
C ARG D 155 8.37 15.97 -7.55
N VAL D 156 9.28 16.88 -7.95
CA VAL D 156 9.64 17.11 -9.38
C VAL D 156 10.45 15.92 -9.89
N ALA D 157 11.14 15.19 -8.99
CA ALA D 157 11.86 13.94 -9.32
C ALA D 157 12.04 13.08 -8.06
N CYS D 158 12.14 11.77 -8.26
CA CYS D 158 12.36 10.77 -7.18
C CYS D 158 12.98 9.52 -7.79
N GLY D 159 13.65 8.73 -6.95
CA GLY D 159 14.26 7.46 -7.37
C GLY D 159 14.18 6.45 -6.25
N ILE D 160 13.87 5.19 -6.58
CA ILE D 160 13.93 4.07 -5.60
C ILE D 160 15.41 3.79 -5.30
N ILE D 161 15.73 3.70 -4.01
CA ILE D 161 17.10 3.39 -3.50
C ILE D 161 17.34 1.89 -3.68
N GLY D 162 18.09 1.52 -4.73
CA GLY D 162 18.35 0.12 -5.10
C GLY D 162 19.72 -0.33 -4.65
N LEU D 163 19.85 -1.60 -4.25
CA LEU D 163 21.13 -2.22 -3.81
C LEU D 163 22.12 -2.18 -4.97
N GLN D 164 23.35 -1.75 -4.69
CA GLN D 164 24.46 -1.62 -5.66
C GLN D 164 25.41 -2.79 -5.40
N GLY D 165 26.07 -3.31 -6.45
CA GLY D 165 27.13 -4.33 -6.33
C GLY D 165 28.44 -3.69 -5.91
ZN ZN E . -15.66 15.57 17.97
CU CU F . -17.93 14.82 12.23
ZN ZN G . 3.16 -3.20 7.35
ZN ZN H . -7.59 -18.75 -0.37
CU CU I . -10.70 -14.07 -3.81
ZN ZN J . 18.06 -18.71 -11.89
CU CU K . 16.39 -13.76 -15.20
ZN ZN L . 10.22 15.78 7.14
CU CU M . 9.36 15.40 0.20
#